data_3GF6
#
_entry.id   3GF6
#
_cell.length_a   62.931
_cell.length_b   75.541
_cell.length_c   95.099
_cell.angle_alpha   90.000
_cell.angle_beta   90.000
_cell.angle_gamma   90.000
#
_symmetry.space_group_name_H-M   'P 21 21 21'
#
loop_
_entity.id
_entity.type
_entity.pdbx_description
1 polymer 'uncharacterized bacterial lipoprotein'
2 non-polymer 1,2-ETHANEDIOL
3 water water
#
_entity_poly.entity_id   1
_entity_poly.type   'polypeptide(L)'
_entity_poly.pdbx_seq_one_letter_code
;GDNDAIYYPVGDVDIERGGPALEVGEEDVLVARSFNEEDYVLDTIAQYPNDPTLGKLTF(MSE)IDLKNQQKDQNVADFN
GVGKSKLT(MSE)SLGYKDGNYPSESQVPIYTSQDVTAKYAVKLRLKGELLVSGDEW(MSE)IDYVYAQLASLFQPYPPA
NFPEVF(MSE)CKGG(MSE)KLGTFDSFRRTCTFDITYDRSDLSFSQLYFNLFINLAGQKRENRVRLRIDKESYFELYEQ
SEE(MSE)
;
_entity_poly.pdbx_strand_id   A,B
#
loop_
_chem_comp.id
_chem_comp.type
_chem_comp.name
_chem_comp.formula
EDO non-polymer 1,2-ETHANEDIOL 'C2 H6 O2'
#
# COMPACT_ATOMS: atom_id res chain seq x y z
N ASP A 4 -5.18 -7.50 -10.79
CA ASP A 4 -4.97 -8.16 -9.47
C ASP A 4 -5.31 -7.21 -8.28
N ALA A 5 -5.33 -5.91 -8.51
CA ALA A 5 -5.49 -4.93 -7.41
C ALA A 5 -6.84 -5.01 -6.70
N ILE A 6 -6.83 -4.75 -5.40
CA ILE A 6 -8.09 -4.59 -4.66
C ILE A 6 -8.47 -3.13 -4.82
N TYR A 7 -9.55 -2.87 -5.53
CA TYR A 7 -9.81 -1.56 -6.11
C TYR A 7 -11.29 -1.31 -5.94
N TYR A 8 -11.61 -0.17 -5.30
CA TYR A 8 -12.95 0.15 -4.85
C TYR A 8 -13.53 1.48 -5.41
N PRO A 9 -13.67 1.59 -6.75
CA PRO A 9 -14.16 2.83 -7.35
C PRO A 9 -15.65 3.09 -7.12
N VAL A 10 -15.99 4.37 -6.97
CA VAL A 10 -17.37 4.81 -6.95
C VAL A 10 -17.41 6.00 -7.86
N GLY A 11 -18.37 5.96 -8.80
CA GLY A 11 -18.54 6.98 -9.78
C GLY A 11 -19.58 8.04 -9.41
N ASP A 12 -20.47 8.34 -10.36
CA ASP A 12 -21.49 9.36 -10.15
C ASP A 12 -22.67 8.76 -9.38
N VAL A 13 -22.47 8.58 -8.09
CA VAL A 13 -23.41 7.88 -7.26
C VAL A 13 -24.02 8.88 -6.28
N ASP A 14 -25.31 8.74 -6.07
CA ASP A 14 -26.04 9.57 -5.12
C ASP A 14 -27.04 8.70 -4.35
N ILE A 15 -26.59 8.22 -3.19
CA ILE A 15 -27.37 7.39 -2.26
CA ILE A 15 -27.42 7.43 -2.29
C ILE A 15 -27.69 8.20 -1.01
N GLU A 16 -28.97 8.26 -0.64
CA GLU A 16 -29.37 8.87 0.64
C GLU A 16 -30.42 7.99 1.27
N ARG A 17 -30.16 7.53 2.49
CA ARG A 17 -31.08 6.70 3.22
C ARG A 17 -31.45 7.39 4.53
N GLY A 18 -32.50 6.89 5.15
CA GLY A 18 -32.90 7.32 6.49
C GLY A 18 -34.32 7.84 6.48
N GLY A 19 -34.87 8.09 7.66
CA GLY A 19 -36.12 8.84 7.77
C GLY A 19 -35.91 10.28 7.34
N PRO A 20 -37.00 11.05 7.26
CA PRO A 20 -36.90 12.43 6.78
C PRO A 20 -36.17 13.36 7.79
N ALA A 21 -35.81 14.55 7.32
CA ALA A 21 -35.14 15.55 8.14
C ALA A 21 -35.86 15.67 9.46
N LEU A 22 -35.09 15.62 10.56
CA LEU A 22 -35.62 15.76 11.92
C LEU A 22 -35.98 17.20 12.23
N GLU A 23 -37.22 17.42 12.64
CA GLU A 23 -37.63 18.73 13.16
C GLU A 23 -37.37 18.68 14.64
N VAL A 24 -36.23 19.26 15.00
CA VAL A 24 -35.66 19.09 16.30
C VAL A 24 -36.60 19.66 17.34
N GLY A 25 -37.03 18.81 18.26
CA GLY A 25 -37.89 19.24 19.34
C GLY A 25 -37.24 19.15 20.70
N GLU A 26 -38.02 19.54 21.70
CA GLU A 26 -37.53 19.73 23.05
C GLU A 26 -36.89 18.47 23.64
N GLU A 27 -37.36 17.30 23.22
CA GLU A 27 -36.93 16.04 23.76
C GLU A 27 -35.78 15.37 22.98
N ASP A 28 -35.42 15.92 21.82
CA ASP A 28 -34.26 15.41 21.08
C ASP A 28 -33.02 15.93 21.79
N VAL A 29 -31.90 15.24 21.65
CA VAL A 29 -30.67 15.63 22.34
C VAL A 29 -29.53 15.71 21.34
N LEU A 30 -28.88 16.87 21.30
CA LEU A 30 -27.67 17.03 20.50
C LEU A 30 -26.54 16.34 21.22
N VAL A 31 -25.94 15.32 20.60
CA VAL A 31 -24.88 14.57 21.27
C VAL A 31 -23.51 14.84 20.66
N ALA A 32 -23.48 15.39 19.48
CA ALA A 32 -22.21 15.82 18.88
C ALA A 32 -22.52 16.94 17.86
N ARG A 33 -21.61 17.90 17.85
CA ARG A 33 -21.64 19.02 16.91
C ARG A 33 -20.25 19.59 16.76
N SER A 34 -19.84 19.70 15.49
CA SER A 34 -18.62 20.39 15.12
CA SER A 34 -18.62 20.40 15.12
C SER A 34 -18.92 21.38 13.99
N PHE A 35 -18.15 22.46 13.93
CA PHE A 35 -18.34 23.50 12.95
C PHE A 35 -17.04 24.29 12.80
N ASN A 36 -17.10 25.38 12.03
CA ASN A 36 -15.91 26.15 11.71
C ASN A 36 -16.20 27.64 11.72
N GLU A 37 -15.17 28.42 12.02
CA GLU A 37 -15.22 29.88 11.98
C GLU A 37 -14.47 30.45 10.80
N GLU A 38 -13.64 29.64 10.19
CA GLU A 38 -12.92 30.04 8.99
C GLU A 38 -12.58 28.81 8.18
N ASP A 39 -12.21 29.05 6.92
CA ASP A 39 -11.77 27.96 6.06
C ASP A 39 -10.44 27.41 6.56
N TYR A 40 -10.15 26.17 6.23
CA TYR A 40 -8.77 25.65 6.45
C TYR A 40 -8.35 24.71 5.33
N VAL A 41 -7.05 24.47 5.21
CA VAL A 41 -6.59 23.63 4.12
C VAL A 41 -5.69 22.51 4.61
N LEU A 42 -6.10 21.26 4.39
CA LEU A 42 -5.19 20.13 4.57
C LEU A 42 -4.20 20.12 3.38
N ASP A 43 -2.88 19.93 3.62
CA ASP A 43 -1.86 20.03 2.55
C ASP A 43 -0.78 18.98 2.92
N THR A 44 -0.78 17.86 2.19
CA THR A 44 -0.09 16.63 2.57
C THR A 44 0.44 15.96 1.30
N ILE A 45 1.67 15.47 1.31
CA ILE A 45 2.20 14.70 0.20
CA ILE A 45 2.21 14.70 0.21
C ILE A 45 1.67 13.27 0.31
N ALA A 46 0.98 12.82 -0.74
CA ALA A 46 0.54 11.45 -0.86
C ALA A 46 1.61 10.64 -1.61
N GLN A 47 2.01 9.53 -0.98
CA GLN A 47 2.88 8.55 -1.51
C GLN A 47 2.84 7.26 -0.69
N TYR A 48 3.20 6.15 -1.33
CA TYR A 48 3.27 4.88 -0.64
C TYR A 48 4.67 4.66 -0.07
N PRO A 49 4.78 4.43 1.25
CA PRO A 49 6.07 4.03 1.74
C PRO A 49 6.43 2.64 1.21
N ASN A 50 7.72 2.46 1.01
CA ASN A 50 8.32 1.18 0.67
C ASN A 50 8.06 0.68 -0.73
N ASP A 51 7.36 1.47 -1.56
CA ASP A 51 7.05 1.07 -2.94
C ASP A 51 7.06 2.32 -3.85
N PRO A 52 8.09 2.43 -4.67
CA PRO A 52 8.20 3.58 -5.54
C PRO A 52 7.52 3.47 -6.91
N THR A 53 6.63 2.51 -7.08
CA THR A 53 5.92 2.29 -8.35
C THR A 53 5.13 3.55 -8.67
N LEU A 54 5.21 3.95 -9.93
CA LEU A 54 4.56 5.16 -10.39
C LEU A 54 3.10 4.91 -10.71
N GLY A 55 2.32 5.94 -10.51
CA GLY A 55 1.06 6.10 -11.25
C GLY A 55 -0.26 6.01 -10.49
N LYS A 56 -0.24 5.70 -9.21
CA LYS A 56 -1.47 5.52 -8.44
C LYS A 56 -1.32 5.92 -6.97
N LEU A 57 -2.27 6.68 -6.48
CA LEU A 57 -2.35 7.04 -5.06
C LEU A 57 -3.78 6.89 -4.54
N THR A 58 -3.98 5.89 -3.70
CA THR A 58 -5.30 5.61 -3.10
C THR A 58 -5.25 6.06 -1.64
N PHE A 59 -6.15 6.95 -1.25
CA PHE A 59 -6.15 7.47 0.13
C PHE A 59 -7.49 7.91 0.58
N MSE A 60 -7.65 8.03 1.90
CA MSE A 60 -8.88 8.48 2.43
C MSE A 60 -8.67 9.65 3.39
O MSE A 60 -7.56 9.90 3.87
CB MSE A 60 -9.67 7.33 3.10
CG MSE A 60 -9.01 6.80 4.25
SE MSE A 60 -9.63 7.61 5.93
CE MSE A 60 -8.69 6.19 6.86
N ILE A 61 -9.78 10.38 3.61
CA ILE A 61 -9.75 11.57 4.44
C ILE A 61 -10.67 11.33 5.62
N ASP A 62 -10.13 11.57 6.82
CA ASP A 62 -10.96 11.64 8.04
C ASP A 62 -11.49 13.06 8.09
N LEU A 63 -12.80 13.22 8.01
CA LEU A 63 -13.42 14.55 7.88
C LEU A 63 -13.70 15.13 9.25
N LYS A 64 -13.17 16.33 9.48
CA LYS A 64 -13.26 16.96 10.79
C LYS A 64 -13.54 18.46 10.62
N ASN A 65 -14.10 19.07 11.68
CA ASN A 65 -14.31 20.52 11.77
C ASN A 65 -13.63 21.02 13.04
N GLN A 66 -13.09 22.24 13.01
CA GLN A 66 -12.13 22.67 14.04
C GLN A 66 -12.77 23.03 15.39
N GLN A 67 -14.02 23.49 15.40
CA GLN A 67 -14.72 23.88 16.65
C GLN A 67 -15.66 22.81 17.10
N LYS A 68 -15.72 22.61 18.42
CA LYS A 68 -16.68 21.69 19.05
C LYS A 68 -17.68 22.57 19.75
N ASP A 69 -18.95 22.22 19.64
CA ASP A 69 -19.96 22.82 20.51
C ASP A 69 -19.56 22.49 21.96
N GLN A 70 -19.46 23.53 22.79
CA GLN A 70 -18.92 23.35 24.14
C GLN A 70 -19.85 22.58 25.07
N ASN A 71 -21.07 22.28 24.64
CA ASN A 71 -22.00 21.53 25.47
C ASN A 71 -22.07 20.02 25.17
N VAL A 72 -21.23 19.52 24.27
CA VAL A 72 -21.18 18.11 23.94
C VAL A 72 -19.81 17.51 24.30
N ALA A 73 -19.79 16.18 24.44
CA ALA A 73 -18.55 15.45 24.68
C ALA A 73 -17.58 15.61 23.49
N ASP A 74 -16.29 15.57 23.79
CA ASP A 74 -15.29 15.44 22.72
C ASP A 74 -15.59 14.27 21.83
N PHE A 75 -15.35 14.44 20.53
CA PHE A 75 -15.52 13.35 19.57
C PHE A 75 -14.53 13.49 18.46
N ASN A 76 -14.34 12.43 17.68
CA ASN A 76 -13.30 12.40 16.65
C ASN A 76 -13.54 13.30 15.48
N GLY A 77 -14.74 13.85 15.33
CA GLY A 77 -15.01 14.79 14.28
C GLY A 77 -14.54 16.20 14.54
N VAL A 78 -13.86 16.42 15.67
CA VAL A 78 -13.29 17.72 16.02
C VAL A 78 -11.81 17.73 15.73
N GLY A 79 -11.40 18.66 14.88
CA GLY A 79 -10.00 18.85 14.57
C GLY A 79 -9.83 19.28 13.13
N LYS A 80 -8.64 19.02 12.57
CA LYS A 80 -8.39 19.21 11.14
C LYS A 80 -8.43 17.84 10.45
N SER A 81 -9.10 17.80 9.31
CA SER A 81 -9.12 16.64 8.42
C SER A 81 -7.69 16.18 8.09
N LYS A 82 -7.53 14.87 7.91
CA LYS A 82 -6.24 14.31 7.62
C LYS A 82 -6.37 13.18 6.57
N LEU A 83 -5.26 12.91 5.93
CA LEU A 83 -5.16 11.98 4.81
C LEU A 83 -4.33 10.76 5.21
N THR A 84 -4.81 9.60 4.84
CA THR A 84 -4.19 8.33 5.18
C THR A 84 -4.11 7.50 3.92
N MSE A 85 -2.92 7.00 3.59
CA MSE A 85 -2.78 6.07 2.47
C MSE A 85 -3.43 4.70 2.71
O MSE A 85 -3.48 4.21 3.83
CB MSE A 85 -1.32 5.82 2.18
CG MSE A 85 -0.50 7.07 1.85
SE MSE A 85 -1.13 8.11 0.33
CE MSE A 85 -1.02 6.71 -1.05
N SER A 86 -3.88 4.10 1.59
CA SER A 86 -4.33 2.72 1.62
C SER A 86 -3.16 1.81 1.89
N LEU A 87 -3.46 0.52 2.05
CA LEU A 87 -2.43 -0.44 2.49
C LEU A 87 -1.29 -0.61 1.49
N GLY A 88 -1.58 -0.46 0.21
CA GLY A 88 -0.52 -0.40 -0.80
C GLY A 88 -1.00 -0.06 -2.19
N TYR A 89 -0.06 -0.08 -3.14
CA TYR A 89 -0.36 0.28 -4.48
C TYR A 89 -1.45 -0.61 -5.06
N LYS A 90 -1.44 -1.88 -4.66
CA LYS A 90 -2.45 -2.82 -5.17
C LYS A 90 -3.52 -3.20 -4.15
N ASP A 91 -3.58 -2.47 -3.03
CA ASP A 91 -4.54 -2.76 -1.96
C ASP A 91 -5.25 -1.52 -1.48
N GLY A 92 -6.52 -1.39 -1.91
CA GLY A 92 -7.32 -0.25 -1.56
C GLY A 92 -7.94 -0.32 -0.17
N ASN A 93 -7.69 -1.40 0.57
CA ASN A 93 -8.12 -1.44 1.96
C ASN A 93 -7.25 -0.53 2.86
N TYR A 94 -7.77 -0.24 4.05
CA TYR A 94 -7.07 0.60 5.02
C TYR A 94 -6.71 -0.22 6.24
N PRO A 95 -5.60 0.12 6.90
CA PRO A 95 -5.25 -0.56 8.13
C PRO A 95 -6.36 -0.41 9.18
N SER A 96 -6.56 -1.45 9.97
CA SER A 96 -7.60 -1.44 11.02
C SER A 96 -7.51 -0.23 11.96
N GLU A 97 -6.28 0.12 12.34
CA GLU A 97 -6.04 1.26 13.20
C GLU A 97 -6.46 2.61 12.58
N SER A 98 -6.59 2.70 11.24
CA SER A 98 -7.08 3.92 10.63
CA SER A 98 -7.06 3.91 10.59
C SER A 98 -8.58 3.97 10.40
N GLN A 99 -9.27 2.86 10.66
CA GLN A 99 -10.74 2.79 10.39
C GLN A 99 -11.49 3.35 11.59
N VAL A 100 -11.54 4.66 11.64
CA VAL A 100 -11.89 5.38 12.85
C VAL A 100 -13.22 6.12 12.69
N PRO A 101 -14.20 5.82 13.55
CA PRO A 101 -15.51 6.46 13.47
C PRO A 101 -15.50 7.93 13.98
N ILE A 102 -16.38 8.75 13.42
CA ILE A 102 -16.56 10.12 13.89
C ILE A 102 -17.25 10.11 15.24
N TYR A 103 -18.12 9.12 15.48
CA TYR A 103 -18.84 9.02 16.76
C TYR A 103 -19.08 7.56 17.09
N THR A 104 -19.04 7.24 18.38
CA THR A 104 -19.28 5.87 18.90
C THR A 104 -20.49 5.84 19.80
N SER A 105 -21.49 5.01 19.45
CA SER A 105 -22.65 4.82 20.26
C SER A 105 -22.39 3.82 21.38
N GLN A 106 -23.09 4.03 22.49
CA GLN A 106 -23.05 3.14 23.65
C GLN A 106 -24.42 2.54 23.99
N ASP A 107 -25.44 2.79 23.16
CA ASP A 107 -26.78 2.29 23.42
C ASP A 107 -27.48 1.81 22.16
N VAL A 108 -27.64 0.49 22.05
CA VAL A 108 -28.26 -0.10 20.89
C VAL A 108 -29.67 0.43 20.58
N THR A 109 -30.42 0.86 21.60
CA THR A 109 -31.79 1.32 21.38
C THR A 109 -31.85 2.78 20.87
N ALA A 110 -30.73 3.50 20.87
CA ALA A 110 -30.75 4.88 20.39
C ALA A 110 -31.10 4.94 18.88
N LYS A 111 -31.92 5.94 18.53
CA LYS A 111 -32.19 6.28 17.14
CA LYS A 111 -32.19 6.30 17.14
C LYS A 111 -31.56 7.66 16.90
N TYR A 112 -30.90 7.82 15.77
CA TYR A 112 -30.10 8.99 15.52
C TYR A 112 -30.52 9.76 14.28
N ALA A 113 -30.31 11.09 14.33
CA ALA A 113 -30.51 11.95 13.17
C ALA A 113 -29.23 12.73 12.96
N VAL A 114 -28.88 12.97 11.69
CA VAL A 114 -27.66 13.68 11.32
C VAL A 114 -28.03 14.88 10.44
N LYS A 115 -27.37 16.00 10.71
CA LYS A 115 -27.43 17.17 9.84
C LYS A 115 -26.02 17.58 9.57
N LEU A 116 -25.66 17.66 8.31
CA LEU A 116 -24.30 18.03 7.96
C LEU A 116 -24.24 18.85 6.70
N ARG A 117 -23.17 19.62 6.58
CA ARG A 117 -22.79 20.27 5.32
C ARG A 117 -21.30 20.03 5.12
N LEU A 118 -20.91 19.61 3.93
CA LEU A 118 -19.50 19.44 3.56
C LEU A 118 -19.27 20.29 2.33
N LYS A 119 -18.49 21.37 2.53
CA LYS A 119 -18.23 22.34 1.48
CA LYS A 119 -18.23 22.34 1.48
C LYS A 119 -16.75 22.57 1.42
N GLY A 120 -16.20 22.59 0.21
CA GLY A 120 -14.76 22.71 0.04
C GLY A 120 -14.25 22.27 -1.31
N GLU A 121 -12.96 21.97 -1.38
CA GLU A 121 -12.35 21.61 -2.66
C GLU A 121 -11.16 20.68 -2.50
N LEU A 122 -11.14 19.63 -3.32
CA LEU A 122 -9.98 18.77 -3.47
C LEU A 122 -9.18 19.25 -4.67
N LEU A 123 -7.88 19.45 -4.45
CA LEU A 123 -6.94 19.80 -5.53
C LEU A 123 -5.69 18.93 -5.52
N VAL A 124 -5.41 18.26 -6.66
CA VAL A 124 -4.06 17.73 -6.93
C VAL A 124 -3.13 18.84 -7.35
N SER A 125 -1.83 18.65 -7.16
CA SER A 125 -0.86 19.69 -7.51
C SER A 125 -0.31 19.40 -8.88
N GLY A 126 -0.06 20.45 -9.65
CA GLY A 126 0.58 20.32 -10.95
C GLY A 126 -0.31 19.62 -11.97
N ASP A 127 0.30 19.05 -13.01
CA ASP A 127 -0.45 18.53 -14.18
C ASP A 127 -0.18 17.06 -14.55
N GLU A 128 0.45 16.31 -13.66
CA GLU A 128 0.78 14.91 -13.90
C GLU A 128 -0.15 13.89 -13.21
N TRP A 129 -1.31 14.34 -12.77
CA TRP A 129 -2.27 13.51 -12.00
C TRP A 129 -3.68 13.95 -12.27
N MSE A 130 -4.62 13.01 -12.15
CA MSE A 130 -6.04 13.31 -12.20
CA MSE A 130 -6.04 13.28 -12.21
CA MSE A 130 -6.04 13.33 -12.17
C MSE A 130 -6.78 12.51 -11.13
O MSE A 130 -6.26 11.49 -10.65
CB MSE A 130 -6.64 13.05 -13.59
CB MSE A 130 -6.61 12.87 -13.57
CB MSE A 130 -6.65 13.08 -13.56
CG MSE A 130 -7.12 11.63 -13.89
CG MSE A 130 -6.66 11.38 -13.78
CG MSE A 130 -6.36 11.73 -14.19
SE MSE A 130 -8.27 11.45 -15.49
SE MSE A 130 -6.95 10.96 -15.65
SE MSE A 130 -7.62 10.35 -13.63
CE MSE A 130 -8.94 9.72 -15.02
CE MSE A 130 -8.89 11.19 -15.72
CE MSE A 130 -9.20 10.88 -14.62
N ILE A 131 -7.96 12.98 -10.79
CA ILE A 131 -8.81 12.31 -9.84
C ILE A 131 -9.52 11.16 -10.59
N ASP A 132 -9.14 9.92 -10.29
CA ASP A 132 -9.81 8.71 -10.81
C ASP A 132 -11.21 8.57 -10.22
N TYR A 133 -11.29 8.62 -8.90
CA TYR A 133 -12.59 8.68 -8.23
C TYR A 133 -12.48 9.47 -6.94
N VAL A 134 -13.61 10.01 -6.50
CA VAL A 134 -13.72 10.68 -5.21
C VAL A 134 -15.16 10.59 -4.75
N TYR A 135 -15.38 10.21 -3.51
CA TYR A 135 -16.71 10.24 -2.93
C TYR A 135 -16.72 10.47 -1.43
N ALA A 136 -17.82 11.09 -0.95
CA ALA A 136 -18.09 11.34 0.48
C ALA A 136 -19.08 10.30 0.97
N GLN A 137 -18.82 9.76 2.14
CA GLN A 137 -19.69 8.73 2.68
C GLN A 137 -19.91 8.80 4.18
N LEU A 138 -21.19 8.74 4.54
CA LEU A 138 -21.64 8.58 5.93
C LEU A 138 -22.25 7.19 6.00
N ALA A 139 -21.79 6.40 6.96
CA ALA A 139 -22.09 4.97 7.04
C ALA A 139 -21.83 4.42 8.44
N SER A 140 -22.47 3.31 8.76
CA SER A 140 -22.18 2.57 10.00
C SER A 140 -21.09 1.50 9.83
N LEU A 141 -20.49 1.38 8.62
CA LEU A 141 -19.33 0.54 8.33
C LEU A 141 -18.27 1.40 7.63
N PHE A 142 -17.01 0.97 7.71
CA PHE A 142 -15.92 1.62 7.01
C PHE A 142 -15.68 0.99 5.64
N GLN A 143 -15.75 1.81 4.60
CA GLN A 143 -15.56 1.41 3.20
C GLN A 143 -16.29 0.10 2.79
N PRO A 144 -17.60 -0.03 3.12
CA PRO A 144 -18.31 -1.21 2.61
C PRO A 144 -18.40 -1.12 1.09
N TYR A 145 -18.23 -2.23 0.39
CA TYR A 145 -18.16 -2.16 -1.06
C TYR A 145 -18.88 -3.32 -1.72
N PRO A 146 -19.71 -3.02 -2.73
CA PRO A 146 -20.07 -1.70 -3.27
C PRO A 146 -21.09 -1.02 -2.36
N PRO A 147 -20.90 0.28 -2.08
CA PRO A 147 -21.71 0.90 -1.03
C PRO A 147 -23.22 0.86 -1.27
N ALA A 148 -23.63 0.91 -2.54
CA ALA A 148 -25.06 0.85 -2.84
C ALA A 148 -25.74 -0.42 -2.33
N ASN A 149 -24.98 -1.50 -2.12
CA ASN A 149 -25.52 -2.78 -1.65
C ASN A 149 -25.71 -2.88 -0.13
N PHE A 150 -25.34 -1.85 0.63
CA PHE A 150 -25.38 -1.93 2.08
C PHE A 150 -26.41 -0.92 2.66
N PRO A 151 -27.39 -1.41 3.42
CA PRO A 151 -28.26 -0.48 4.18
C PRO A 151 -27.48 0.30 5.25
N GLU A 152 -26.28 -0.16 5.56
CA GLU A 152 -25.37 0.55 6.47
C GLU A 152 -24.81 1.85 5.91
N VAL A 153 -24.94 2.02 4.60
CA VAL A 153 -24.54 3.27 3.94
C VAL A 153 -25.71 4.25 3.97
N PHE A 154 -25.50 5.35 4.69
CA PHE A 154 -26.55 6.36 4.92
C PHE A 154 -26.52 7.47 3.85
N MSE A 155 -25.30 7.85 3.44
CA MSE A 155 -25.09 8.87 2.45
C MSE A 155 -23.87 8.49 1.65
O MSE A 155 -22.81 8.15 2.21
CB MSE A 155 -24.88 10.27 3.05
CG MSE A 155 -24.93 11.43 2.03
SE MSE A 155 -23.84 12.95 2.56
CE MSE A 155 -22.04 12.20 2.29
N CYS A 156 -24.00 8.54 0.34
CA CYS A 156 -22.87 8.28 -0.54
C CYS A 156 -23.01 9.20 -1.74
N LYS A 157 -22.07 10.12 -1.90
CA LYS A 157 -22.06 11.08 -2.99
C LYS A 157 -20.70 11.08 -3.66
N GLY A 158 -20.70 10.58 -4.88
CA GLY A 158 -19.48 10.49 -5.69
C GLY A 158 -19.48 11.23 -7.01
N GLY A 159 -18.28 11.50 -7.48
CA GLY A 159 -18.10 12.03 -8.84
C GLY A 159 -18.87 13.32 -9.00
N MSE A 160 -19.62 13.42 -10.09
CA MSE A 160 -20.39 14.66 -10.36
CA MSE A 160 -20.45 14.59 -10.44
C MSE A 160 -21.58 14.81 -9.44
O MSE A 160 -22.19 15.90 -9.38
CB MSE A 160 -20.85 14.72 -11.83
CB MSE A 160 -21.05 14.42 -11.84
CG MSE A 160 -19.79 14.42 -12.76
CG MSE A 160 -20.04 14.20 -12.95
SE MSE A 160 -20.54 14.50 -14.51
SE MSE A 160 -19.12 15.82 -13.46
CE MSE A 160 -20.05 16.32 -14.78
CE MSE A 160 -20.63 16.77 -14.25
N LYS A 161 -21.91 13.77 -8.67
CA LYS A 161 -22.90 13.93 -7.60
C LYS A 161 -22.30 14.56 -6.34
N LEU A 162 -20.98 14.52 -6.19
CA LEU A 162 -20.30 15.16 -5.07
C LEU A 162 -20.01 16.60 -5.41
N GLY A 163 -19.42 16.83 -6.57
CA GLY A 163 -19.09 18.20 -6.95
C GLY A 163 -18.76 18.41 -8.41
N THR A 164 -18.15 19.55 -8.68
CA THR A 164 -17.83 20.00 -10.00
CA THR A 164 -17.84 19.96 -10.03
C THR A 164 -16.34 19.86 -10.26
N PHE A 165 -15.98 19.24 -11.37
CA PHE A 165 -14.57 19.07 -11.71
C PHE A 165 -14.13 20.12 -12.69
N ASP A 166 -12.84 20.47 -12.67
CA ASP A 166 -12.26 21.26 -13.72
C ASP A 166 -12.04 20.36 -14.96
N SER A 167 -11.58 20.97 -16.05
CA SER A 167 -11.45 20.24 -17.32
CA SER A 167 -11.40 20.26 -17.32
C SER A 167 -10.54 19.01 -17.23
N PHE A 168 -9.48 19.07 -16.40
CA PHE A 168 -8.56 17.96 -16.31
C PHE A 168 -8.82 17.04 -15.10
N ARG A 169 -9.91 17.24 -14.38
CA ARG A 169 -10.14 16.49 -13.13
C ARG A 169 -8.94 16.57 -12.18
N ARG A 170 -8.34 17.75 -12.12
CA ARG A 170 -7.34 18.07 -11.08
C ARG A 170 -8.01 18.59 -9.81
N THR A 171 -9.24 19.09 -9.92
CA THR A 171 -9.97 19.65 -8.79
C THR A 171 -11.40 19.17 -8.76
N CYS A 172 -11.93 19.08 -7.55
CA CYS A 172 -13.33 18.79 -7.33
C CYS A 172 -13.81 19.72 -6.24
N THR A 173 -14.79 20.57 -6.60
CA THR A 173 -15.35 21.61 -5.72
C THR A 173 -16.74 21.16 -5.33
N PHE A 174 -16.98 21.05 -4.02
CA PHE A 174 -18.22 20.42 -3.54
C PHE A 174 -18.93 21.23 -2.49
N ASP A 175 -20.25 21.03 -2.37
CA ASP A 175 -21.05 21.67 -1.35
C ASP A 175 -22.31 20.82 -1.21
N ILE A 176 -22.24 19.83 -0.32
CA ILE A 176 -23.29 18.83 -0.16
C ILE A 176 -23.87 18.96 1.24
N THR A 177 -25.12 18.58 1.35
CA THR A 177 -25.77 18.52 2.67
C THR A 177 -26.49 17.19 2.85
N TYR A 178 -26.69 16.81 4.11
CA TYR A 178 -27.44 15.61 4.47
C TYR A 178 -28.21 15.91 5.74
N ASP A 179 -29.47 15.50 5.75
CA ASP A 179 -30.39 15.80 6.84
C ASP A 179 -31.46 14.71 6.94
N ARG A 180 -31.17 13.66 7.70
CA ARG A 180 -32.06 12.52 7.76
C ARG A 180 -32.06 11.97 9.18
N SER A 181 -32.98 11.05 9.43
CA SER A 181 -33.28 10.60 10.76
C SER A 181 -33.44 9.06 10.83
N ASP A 182 -33.82 8.58 12.02
CA ASP A 182 -34.14 7.17 12.27
C ASP A 182 -32.96 6.23 11.94
N LEU A 183 -31.75 6.69 12.23
CA LEU A 183 -30.57 5.89 11.95
C LEU A 183 -30.14 5.08 13.18
N SER A 184 -29.68 3.85 12.92
CA SER A 184 -29.13 2.95 13.95
C SER A 184 -27.68 2.64 13.62
N PHE A 185 -26.81 2.72 14.62
CA PHE A 185 -25.43 2.29 14.44
C PHE A 185 -24.69 2.03 15.74
N SER A 186 -23.66 1.18 15.64
CA SER A 186 -22.66 1.03 16.69
C SER A 186 -21.66 2.14 16.60
N GLN A 187 -21.13 2.32 15.39
CA GLN A 187 -20.13 3.32 15.10
C GLN A 187 -20.54 4.02 13.80
N LEU A 188 -20.33 5.34 13.75
CA LEU A 188 -20.64 6.18 12.59
C LEU A 188 -19.35 6.71 11.95
N TYR A 189 -19.25 6.54 10.64
CA TYR A 189 -18.08 6.93 9.85
C TYR A 189 -18.44 8.04 8.88
N PHE A 190 -17.55 9.02 8.77
CA PHE A 190 -17.71 10.15 7.78
C PHE A 190 -16.36 10.44 7.16
N ASN A 191 -16.24 10.10 5.87
CA ASN A 191 -14.97 10.12 5.17
C ASN A 191 -15.11 10.49 3.72
N LEU A 192 -13.99 10.90 3.12
CA LEU A 192 -13.80 10.89 1.69
C LEU A 192 -12.90 9.71 1.32
N PHE A 193 -13.25 9.03 0.24
CA PHE A 193 -12.43 7.98 -0.36
C PHE A 193 -12.01 8.43 -1.76
N ILE A 194 -10.70 8.41 -2.01
CA ILE A 194 -10.10 8.99 -3.22
C ILE A 194 -9.11 8.04 -3.88
N ASN A 195 -9.02 8.07 -5.21
CA ASN A 195 -7.89 7.47 -5.90
C ASN A 195 -7.42 8.44 -6.99
N LEU A 196 -6.13 8.68 -7.06
CA LEU A 196 -5.57 9.45 -8.19
C LEU A 196 -4.79 8.54 -9.12
N ALA A 197 -4.89 8.82 -10.41
CA ALA A 197 -4.11 8.16 -11.46
C ALA A 197 -3.23 9.20 -12.09
N GLY A 198 -1.97 8.85 -12.38
CA GLY A 198 -1.01 9.82 -12.86
C GLY A 198 0.28 9.20 -13.37
N GLN A 199 1.29 10.03 -13.51
CA GLN A 199 2.55 9.60 -14.13
C GLN A 199 3.73 9.53 -13.16
N LYS A 200 3.53 9.98 -11.92
CA LYS A 200 4.61 10.09 -10.95
C LYS A 200 4.40 9.17 -9.74
N ARG A 201 5.23 9.33 -8.71
CA ARG A 201 5.20 8.49 -7.53
C ARG A 201 4.50 9.17 -6.37
N GLU A 202 4.52 10.51 -6.33
CA GLU A 202 3.89 11.24 -5.22
CA GLU A 202 3.88 11.24 -5.22
C GLU A 202 3.11 12.43 -5.74
N ASN A 203 2.25 12.98 -4.88
CA ASN A 203 1.63 14.25 -5.20
C ASN A 203 1.32 15.04 -3.95
N ARG A 204 1.42 16.36 -4.08
CA ARG A 204 1.05 17.23 -3.00
C ARG A 204 -0.45 17.43 -3.10
N VAL A 205 -1.20 16.88 -2.16
CA VAL A 205 -2.65 16.93 -2.20
C VAL A 205 -3.18 18.01 -1.24
N ARG A 206 -4.10 18.83 -1.73
CA ARG A 206 -4.73 19.85 -0.88
C ARG A 206 -6.21 19.62 -0.79
N LEU A 207 -6.78 19.79 0.41
CA LEU A 207 -8.19 19.68 0.62
C LEU A 207 -8.59 20.90 1.42
N ARG A 208 -9.29 21.84 0.78
CA ARG A 208 -9.92 22.96 1.52
C ARG A 208 -11.26 22.57 2.10
N ILE A 209 -11.44 22.81 3.40
CA ILE A 209 -12.73 22.63 4.06
C ILE A 209 -13.19 24.06 4.36
N ASP A 210 -14.30 24.44 3.72
CA ASP A 210 -14.83 25.80 3.85
C ASP A 210 -15.51 25.93 5.21
N LYS A 211 -15.55 27.17 5.65
CA LYS A 211 -16.07 27.51 6.98
C LYS A 211 -17.54 27.11 7.19
N GLU A 212 -18.31 26.96 6.11
CA GLU A 212 -19.71 26.56 6.19
C GLU A 212 -19.88 25.08 6.58
N SER A 213 -18.82 24.27 6.52
CA SER A 213 -18.93 22.86 6.82
C SER A 213 -19.24 22.68 8.30
N TYR A 214 -20.14 21.75 8.60
CA TYR A 214 -20.51 21.40 9.96
C TYR A 214 -21.09 19.99 10.02
N PHE A 215 -21.15 19.47 11.23
CA PHE A 215 -21.67 18.14 11.48
C PHE A 215 -22.41 18.16 12.79
N GLU A 216 -23.65 17.64 12.80
CA GLU A 216 -24.49 17.52 14.00
C GLU A 216 -25.09 16.14 14.08
N LEU A 217 -25.15 15.62 15.31
CA LEU A 217 -25.73 14.32 15.60
C LEU A 217 -26.71 14.44 16.78
N TYR A 218 -27.93 14.00 16.56
CA TYR A 218 -28.99 13.98 17.55
C TYR A 218 -29.37 12.57 17.94
N GLU A 219 -29.65 12.36 19.22
CA GLU A 219 -30.41 11.22 19.67
C GLU A 219 -31.89 11.64 19.61
N GLN A 220 -32.72 10.89 18.91
CA GLN A 220 -34.15 11.22 18.79
C GLN A 220 -34.96 10.79 20.01
N SER A 221 -35.88 11.66 20.44
CA SER A 221 -36.92 11.26 21.41
C SER A 221 -37.73 10.05 20.88
N GLU A 222 -37.95 9.05 21.74
CA GLU A 222 -38.72 7.83 21.38
C GLU A 222 -40.20 7.99 21.66
N ASP B 4 8.89 -20.29 19.96
CA ASP B 4 7.68 -19.45 19.76
C ASP B 4 7.66 -18.76 18.38
N ALA B 5 8.60 -17.85 18.11
CA ALA B 5 8.65 -17.15 16.81
C ALA B 5 8.84 -18.10 15.61
N ILE B 6 8.13 -17.84 14.52
CA ILE B 6 8.39 -18.49 13.24
C ILE B 6 9.54 -17.73 12.59
N TYR B 7 10.69 -18.41 12.47
CA TYR B 7 11.98 -17.80 12.10
C TYR B 7 12.71 -18.67 11.08
N TYR B 8 13.15 -18.04 10.00
CA TYR B 8 13.64 -18.73 8.81
C TYR B 8 15.02 -18.23 8.36
N PRO B 9 16.05 -18.43 9.22
CA PRO B 9 17.37 -17.90 8.89
C PRO B 9 18.11 -18.72 7.84
N VAL B 10 18.80 -18.01 6.94
CA VAL B 10 19.77 -18.64 6.04
C VAL B 10 21.13 -17.97 6.20
N GLY B 11 22.16 -18.78 6.44
CA GLY B 11 23.53 -18.31 6.66
C GLY B 11 24.39 -18.33 5.42
N ASP B 12 25.64 -18.80 5.56
CA ASP B 12 26.61 -18.78 4.45
C ASP B 12 26.32 -19.99 3.54
N VAL B 13 25.32 -19.80 2.70
CA VAL B 13 24.74 -20.89 1.91
C VAL B 13 24.84 -20.49 0.45
N ASP B 14 25.18 -21.48 -0.37
CA ASP B 14 25.31 -21.26 -1.81
C ASP B 14 24.75 -22.48 -2.51
N ILE B 15 23.47 -22.39 -2.80
CA ILE B 15 22.74 -23.43 -3.55
C ILE B 15 22.60 -22.99 -4.99
N GLU B 16 22.97 -23.89 -5.89
CA GLU B 16 22.54 -23.81 -7.28
C GLU B 16 22.08 -25.21 -7.72
N ARG B 17 21.09 -25.22 -8.59
CA ARG B 17 20.53 -26.42 -9.20
C ARG B 17 20.28 -26.10 -10.68
N GLY B 18 20.27 -27.14 -11.50
CA GLY B 18 19.89 -27.01 -12.89
C GLY B 18 20.93 -27.62 -13.80
N GLY B 19 20.56 -27.74 -15.07
CA GLY B 19 21.50 -28.11 -16.11
C GLY B 19 22.53 -27.01 -16.25
N PRO B 20 23.53 -27.23 -17.11
CA PRO B 20 24.63 -26.30 -17.29
C PRO B 20 24.18 -25.02 -17.99
N ALA B 21 25.02 -24.01 -17.94
CA ALA B 21 24.73 -22.74 -18.63
C ALA B 21 24.33 -23.01 -20.09
N LEU B 22 23.27 -22.34 -20.55
CA LEU B 22 22.76 -22.52 -21.89
C LEU B 22 23.55 -21.65 -22.88
N GLU B 23 24.13 -22.27 -23.89
CA GLU B 23 24.70 -21.50 -24.99
C GLU B 23 23.53 -21.29 -25.93
N VAL B 24 22.94 -20.11 -25.85
CA VAL B 24 21.66 -19.81 -26.53
C VAL B 24 21.72 -20.03 -28.03
N GLY B 25 20.76 -20.78 -28.53
CA GLY B 25 20.72 -21.08 -29.97
C GLY B 25 19.51 -20.49 -30.66
N GLU B 26 19.46 -20.64 -32.00
CA GLU B 26 18.38 -20.03 -32.80
C GLU B 26 16.97 -20.43 -32.38
N GLU B 27 16.81 -21.68 -31.91
CA GLU B 27 15.50 -22.24 -31.52
C GLU B 27 15.12 -21.98 -30.05
N ASP B 28 16.06 -21.58 -29.21
CA ASP B 28 15.73 -21.12 -27.87
C ASP B 28 15.02 -19.76 -28.00
N VAL B 29 14.09 -19.46 -27.12
CA VAL B 29 13.28 -18.23 -27.21
C VAL B 29 13.41 -17.41 -25.93
N LEU B 30 13.84 -16.17 -26.07
CA LEU B 30 13.85 -15.24 -24.95
C LEU B 30 12.41 -14.85 -24.65
N VAL B 31 11.92 -15.28 -23.48
CA VAL B 31 10.56 -15.02 -23.03
C VAL B 31 10.44 -13.93 -21.98
N ALA B 32 11.52 -13.63 -21.27
CA ALA B 32 11.52 -12.50 -20.35
C ALA B 32 12.93 -11.94 -20.24
N ARG B 33 13.08 -10.62 -20.19
CA ARG B 33 14.36 -10.00 -19.86
C ARG B 33 14.15 -8.62 -19.30
N SER B 34 14.86 -8.31 -18.22
CA SER B 34 14.81 -7.00 -17.61
C SER B 34 16.25 -6.54 -17.39
N PHE B 35 16.46 -5.24 -17.35
CA PHE B 35 17.83 -4.69 -17.25
C PHE B 35 17.74 -3.28 -16.71
N ASN B 36 18.90 -2.66 -16.52
CA ASN B 36 18.95 -1.30 -15.98
C ASN B 36 19.92 -0.45 -16.78
N GLU B 37 19.57 0.84 -16.88
CA GLU B 37 20.43 1.86 -17.48
CA GLU B 37 20.44 1.84 -17.48
C GLU B 37 21.14 2.66 -16.37
N GLU B 38 20.53 2.75 -15.18
CA GLU B 38 21.14 3.49 -14.08
C GLU B 38 21.00 2.74 -12.78
N ASP B 39 21.85 3.01 -11.80
CA ASP B 39 21.67 2.43 -10.45
C ASP B 39 20.29 2.82 -9.89
N TYR B 40 19.66 1.91 -9.16
CA TYR B 40 18.33 2.12 -8.54
C TYR B 40 18.58 2.21 -7.03
N VAL B 41 18.01 3.22 -6.36
CA VAL B 41 18.06 3.33 -4.90
C VAL B 41 16.65 3.34 -4.31
N LEU B 42 16.40 2.42 -3.41
CA LEU B 42 15.14 2.33 -2.68
C LEU B 42 15.45 2.74 -1.24
N ASP B 43 14.76 3.76 -0.75
CA ASP B 43 14.82 4.11 0.66
C ASP B 43 13.50 3.72 1.32
N THR B 44 13.59 2.94 2.40
CA THR B 44 12.42 2.37 3.05
C THR B 44 12.25 2.83 4.49
N ILE B 45 11.12 2.44 5.07
CA ILE B 45 10.88 2.56 6.50
C ILE B 45 10.39 1.18 6.95
N ALA B 46 11.30 0.41 7.55
CA ALA B 46 11.00 -0.93 8.06
C ALA B 46 10.53 -0.80 9.52
N GLN B 47 9.34 -1.32 9.82
CA GLN B 47 8.73 -1.29 11.14
C GLN B 47 7.43 -2.10 11.11
N TYR B 48 7.07 -2.71 12.23
CA TYR B 48 5.76 -3.41 12.29
C TYR B 48 4.69 -2.42 12.70
N PRO B 49 3.70 -2.12 11.83
CA PRO B 49 2.72 -1.06 12.16
C PRO B 49 2.07 -1.29 13.51
N ASN B 50 2.12 -0.25 14.34
CA ASN B 50 1.50 -0.19 15.65
C ASN B 50 2.00 -1.21 16.69
N ASP B 51 3.19 -1.77 16.43
CA ASP B 51 3.75 -2.74 17.32
C ASP B 51 4.97 -2.10 17.97
N PRO B 52 4.89 -1.85 19.30
CA PRO B 52 5.98 -1.21 20.00
C PRO B 52 7.18 -2.10 20.30
N THR B 53 7.10 -3.41 20.01
CA THR B 53 8.12 -4.38 20.41
C THR B 53 9.46 -4.06 19.76
N LEU B 54 10.47 -3.90 20.60
CA LEU B 54 11.80 -3.57 20.11
C LEU B 54 12.62 -4.76 19.63
N GLY B 55 13.44 -4.49 18.60
CA GLY B 55 14.62 -5.30 18.32
C GLY B 55 14.68 -6.21 17.10
N LYS B 56 13.62 -6.25 16.29
CA LYS B 56 13.57 -7.20 15.15
CA LYS B 56 13.55 -7.20 15.18
C LYS B 56 12.77 -6.62 14.00
N LEU B 57 13.34 -6.75 12.78
CA LEU B 57 12.70 -6.35 11.55
C LEU B 57 12.94 -7.41 10.46
N THR B 58 11.90 -8.20 10.18
CA THR B 58 11.94 -9.23 9.15
C THR B 58 11.14 -8.74 7.94
N PHE B 59 11.81 -8.69 6.79
CA PHE B 59 11.20 -8.20 5.59
C PHE B 59 11.83 -8.80 4.37
N MSE B 60 11.12 -8.66 3.26
CA MSE B 60 11.61 -9.17 2.00
C MSE B 60 11.47 -8.16 0.90
O MSE B 60 10.72 -7.19 1.01
CB MSE B 60 10.94 -10.51 1.64
CG MSE B 60 9.44 -10.44 1.39
SE MSE B 60 9.04 -10.09 -0.50
CE MSE B 60 7.06 -10.21 -0.48
N ILE B 61 12.26 -8.37 -0.15
CA ILE B 61 12.29 -7.51 -1.31
C ILE B 61 11.81 -8.30 -2.53
N ASP B 62 10.90 -7.69 -3.27
CA ASP B 62 10.52 -8.10 -4.60
C ASP B 62 11.60 -7.54 -5.53
N LEU B 63 12.46 -8.42 -6.03
CA LEU B 63 13.58 -7.99 -6.88
C LEU B 63 13.13 -7.76 -8.32
N LYS B 64 13.39 -6.56 -8.82
CA LYS B 64 12.97 -6.16 -10.14
C LYS B 64 14.08 -5.37 -10.82
N ASN B 65 14.05 -5.32 -12.15
CA ASN B 65 14.91 -4.36 -12.89
C ASN B 65 14.03 -3.39 -13.62
N GLN B 66 14.55 -2.19 -13.87
CA GLN B 66 13.69 -1.06 -14.23
C GLN B 66 13.19 -1.08 -15.66
N GLN B 67 13.95 -1.66 -16.58
CA GLN B 67 13.62 -1.70 -18.01
CA GLN B 67 13.54 -1.70 -17.97
C GLN B 67 13.27 -3.09 -18.49
N LYS B 68 12.31 -3.16 -19.41
CA LYS B 68 11.92 -4.38 -20.11
C LYS B 68 12.54 -4.42 -21.50
N ASP B 69 13.00 -5.60 -21.88
CA ASP B 69 13.42 -5.86 -23.25
C ASP B 69 12.18 -5.71 -24.17
N GLN B 70 12.34 -4.96 -25.26
CA GLN B 70 11.20 -4.59 -26.12
C GLN B 70 10.59 -5.78 -26.85
N ASN B 71 11.30 -6.90 -26.86
CA ASN B 71 10.88 -8.10 -27.55
C ASN B 71 10.21 -9.13 -26.68
N VAL B 72 9.90 -8.77 -25.44
CA VAL B 72 9.23 -9.72 -24.58
C VAL B 72 7.92 -9.15 -24.02
N ALA B 73 7.04 -10.03 -23.57
CA ALA B 73 5.83 -9.61 -22.88
C ALA B 73 6.16 -8.92 -21.56
N ASP B 74 5.30 -8.00 -21.15
CA ASP B 74 5.34 -7.47 -19.78
C ASP B 74 5.43 -8.61 -18.74
N PHE B 75 6.23 -8.41 -17.70
CA PHE B 75 6.26 -9.34 -16.54
C PHE B 75 6.54 -8.62 -15.23
N ASN B 76 6.12 -9.22 -14.10
CA ASN B 76 6.27 -8.58 -12.79
C ASN B 76 7.68 -8.20 -12.42
N GLY B 77 8.65 -8.85 -13.06
CA GLY B 77 10.02 -8.60 -12.78
C GLY B 77 10.52 -7.25 -13.27
N VAL B 78 9.69 -6.51 -14.02
CA VAL B 78 10.08 -5.22 -14.52
C VAL B 78 9.47 -4.18 -13.60
N GLY B 79 10.31 -3.32 -13.06
CA GLY B 79 9.78 -2.21 -12.27
C GLY B 79 10.70 -1.81 -11.17
N LYS B 80 10.07 -1.28 -10.11
CA LYS B 80 10.78 -0.74 -8.96
CA LYS B 80 10.76 -0.73 -8.95
C LYS B 80 10.73 -1.76 -7.82
N SER B 81 11.89 -2.27 -7.40
CA SER B 81 11.96 -3.25 -6.28
C SER B 81 11.34 -2.62 -5.03
N LYS B 82 10.65 -3.42 -4.23
CA LYS B 82 9.93 -2.91 -3.08
C LYS B 82 10.05 -3.80 -1.89
N LEU B 83 9.71 -3.27 -0.72
CA LEU B 83 9.85 -3.98 0.57
C LEU B 83 8.51 -4.29 1.20
N THR B 84 8.40 -5.50 1.76
CA THR B 84 7.20 -5.95 2.47
C THR B 84 7.62 -6.52 3.80
N MSE B 85 6.95 -6.08 4.86
CA MSE B 85 7.20 -6.66 6.17
C MSE B 85 6.58 -8.07 6.25
O MSE B 85 5.58 -8.37 5.58
CB MSE B 85 6.62 -5.80 7.29
CG MSE B 85 7.09 -4.34 7.29
SE MSE B 85 9.01 -4.21 7.68
CE MSE B 85 9.07 -5.24 9.34
N SER B 86 7.15 -8.91 7.11
CA SER B 86 6.56 -10.19 7.50
C SER B 86 5.23 -9.98 8.26
N LEU B 87 4.50 -11.06 8.49
CA LEU B 87 3.21 -10.95 9.17
C LEU B 87 3.30 -10.30 10.55
N GLY B 88 4.42 -10.45 11.23
CA GLY B 88 4.60 -9.76 12.50
C GLY B 88 5.93 -10.05 13.14
N TYR B 89 6.14 -9.44 14.30
CA TYR B 89 7.41 -9.55 15.00
C TYR B 89 7.77 -11.00 15.28
N LYS B 90 6.75 -11.82 15.59
CA LYS B 90 6.94 -13.23 15.89
C LYS B 90 6.62 -14.18 14.73
N ASP B 91 6.27 -13.63 13.56
CA ASP B 91 5.89 -14.46 12.41
C ASP B 91 6.65 -14.03 11.13
N GLY B 92 7.59 -14.89 10.71
CA GLY B 92 8.43 -14.63 9.55
C GLY B 92 7.80 -15.05 8.23
N ASN B 93 6.58 -15.57 8.27
CA ASN B 93 5.85 -15.75 7.02
C ASN B 93 5.42 -14.41 6.47
N TYR B 94 5.03 -14.41 5.20
CA TYR B 94 4.58 -13.20 4.48
C TYR B 94 3.09 -13.36 4.12
N PRO B 95 2.36 -12.25 4.08
CA PRO B 95 0.98 -12.32 3.65
C PRO B 95 0.83 -13.02 2.29
N SER B 96 -0.17 -13.86 2.15
CA SER B 96 -0.31 -14.62 0.91
C SER B 96 -0.35 -13.67 -0.32
N GLU B 97 -0.97 -12.51 -0.18
CA GLU B 97 -1.13 -11.58 -1.32
CA GLU B 97 -1.13 -11.58 -1.32
C GLU B 97 0.18 -10.92 -1.73
N SER B 98 1.20 -10.98 -0.86
CA SER B 98 2.54 -10.45 -1.21
C SER B 98 3.43 -11.45 -1.92
N GLN B 99 2.97 -12.70 -2.03
CA GLN B 99 3.83 -13.77 -2.58
C GLN B 99 3.67 -13.77 -4.10
N VAL B 100 4.44 -12.89 -4.76
CA VAL B 100 4.24 -12.56 -6.15
C VAL B 100 5.41 -12.93 -7.02
N PRO B 101 5.17 -13.82 -8.01
CA PRO B 101 6.26 -14.29 -8.87
C PRO B 101 6.71 -13.20 -9.83
N ILE B 102 7.96 -13.28 -10.27
CA ILE B 102 8.43 -12.39 -11.36
C ILE B 102 7.93 -12.82 -12.72
N TYR B 103 7.67 -14.11 -12.86
CA TYR B 103 7.19 -14.65 -14.13
C TYR B 103 6.31 -15.88 -13.91
N THR B 104 5.29 -16.06 -14.76
CA THR B 104 4.38 -17.20 -14.66
C THR B 104 4.45 -17.97 -15.97
N SER B 105 4.74 -19.27 -15.90
CA SER B 105 4.79 -20.13 -17.10
C SER B 105 3.38 -20.53 -17.54
N GLN B 106 3.08 -20.46 -18.83
CA GLN B 106 1.79 -20.98 -19.35
C GLN B 106 1.92 -22.45 -19.79
N ASP B 107 3.15 -22.97 -19.88
CA ASP B 107 3.37 -24.32 -20.39
C ASP B 107 3.97 -25.24 -19.34
N VAL B 108 3.19 -26.23 -18.94
CA VAL B 108 3.64 -27.21 -17.96
C VAL B 108 4.83 -28.06 -18.44
N THR B 109 5.03 -28.22 -19.73
CA THR B 109 6.10 -29.06 -20.21
C THR B 109 7.40 -28.29 -20.51
N ALA B 110 7.37 -26.97 -20.44
CA ALA B 110 8.49 -26.15 -20.89
C ALA B 110 9.70 -26.33 -19.97
N LYS B 111 10.89 -26.23 -20.55
CA LYS B 111 12.13 -26.16 -19.80
C LYS B 111 12.73 -24.78 -20.05
N TYR B 112 13.34 -24.22 -19.00
CA TYR B 112 13.80 -22.84 -19.03
C TYR B 112 15.26 -22.74 -18.61
N ALA B 113 15.96 -21.77 -19.22
CA ALA B 113 17.29 -21.36 -18.80
C ALA B 113 17.24 -19.93 -18.25
N VAL B 114 18.02 -19.67 -17.21
CA VAL B 114 18.07 -18.34 -16.60
C VAL B 114 19.51 -17.86 -16.60
N LYS B 115 19.70 -16.60 -16.99
CA LYS B 115 20.93 -15.84 -16.85
C LYS B 115 20.60 -14.59 -16.07
N LEU B 116 21.24 -14.41 -14.92
CA LEU B 116 21.01 -13.22 -14.12
C LEU B 116 22.27 -12.76 -13.45
N ARG B 117 22.26 -11.48 -13.12
CA ARG B 117 23.23 -10.84 -12.24
C ARG B 117 22.46 -9.93 -11.30
N LEU B 118 22.79 -10.05 -10.02
CA LEU B 118 22.25 -9.22 -8.95
C LEU B 118 23.44 -8.57 -8.25
N LYS B 119 23.53 -7.26 -8.39
CA LYS B 119 24.67 -6.50 -7.90
C LYS B 119 24.14 -5.29 -7.20
N GLY B 120 24.65 -5.02 -6.01
CA GLY B 120 24.13 -3.89 -5.24
C GLY B 120 24.56 -3.91 -3.80
N GLU B 121 23.83 -3.21 -2.95
CA GLU B 121 24.19 -3.12 -1.53
C GLU B 121 22.94 -2.93 -0.68
N LEU B 122 22.93 -3.62 0.45
CA LEU B 122 21.89 -3.41 1.47
C LEU B 122 22.58 -2.63 2.61
N LEU B 123 21.99 -1.51 3.02
CA LEU B 123 22.54 -0.66 4.11
C LEU B 123 21.49 -0.37 5.20
N VAL B 124 21.74 -0.76 6.43
CA VAL B 124 20.89 -0.28 7.55
C VAL B 124 21.28 1.19 7.78
N SER B 125 20.40 1.96 8.40
CA SER B 125 20.75 3.34 8.79
C SER B 125 21.25 3.37 10.23
N GLY B 126 22.37 4.04 10.47
CA GLY B 126 22.84 4.22 11.84
C GLY B 126 23.55 3.01 12.44
N ASP B 127 23.62 3.01 13.77
CA ASP B 127 24.51 2.17 14.57
C ASP B 127 23.76 1.21 15.46
N GLU B 128 22.45 1.16 15.34
CA GLU B 128 21.63 0.47 16.31
C GLU B 128 21.00 -0.80 15.79
N TRP B 129 21.45 -1.23 14.61
CA TRP B 129 20.91 -2.41 13.95
C TRP B 129 22.03 -3.15 13.24
N MSE B 130 21.88 -4.45 13.15
CA MSE B 130 22.84 -5.34 12.46
CA MSE B 130 22.82 -5.26 12.40
C MSE B 130 22.04 -6.27 11.55
O MSE B 130 20.93 -6.62 11.88
CB MSE B 130 23.64 -6.20 13.46
CB MSE B 130 23.83 -5.87 13.38
CG MSE B 130 24.46 -5.40 14.45
CG MSE B 130 24.17 -7.26 13.16
SE MSE B 130 25.69 -6.44 15.59
SE MSE B 130 22.73 -8.42 13.67
CE MSE B 130 27.26 -5.44 15.06
CE MSE B 130 23.88 -10.00 13.62
N ILE B 131 22.63 -6.70 10.44
CA ILE B 131 21.94 -7.67 9.57
C ILE B 131 22.13 -9.05 10.17
N ASP B 132 21.03 -9.64 10.63
CA ASP B 132 21.03 -11.00 11.17
C ASP B 132 21.26 -11.99 10.01
N TYR B 133 20.37 -11.98 9.03
CA TYR B 133 20.55 -12.79 7.82
C TYR B 133 20.09 -12.01 6.61
N VAL B 134 20.67 -12.37 5.45
CA VAL B 134 20.22 -11.85 4.16
C VAL B 134 20.56 -12.90 3.09
N TYR B 135 19.58 -13.25 2.27
CA TYR B 135 19.83 -14.08 1.11
C TYR B 135 18.98 -13.79 -0.09
N ALA B 136 19.53 -14.07 -1.27
CA ALA B 136 18.79 -13.95 -2.53
C ALA B 136 18.40 -15.35 -3.00
N GLN B 137 17.14 -15.54 -3.43
CA GLN B 137 16.65 -16.83 -3.83
C GLN B 137 15.78 -16.74 -5.11
N LEU B 138 16.04 -17.65 -6.04
CA LEU B 138 15.27 -17.87 -7.23
C LEU B 138 14.69 -19.26 -7.08
N ALA B 139 13.37 -19.38 -7.15
CA ALA B 139 12.72 -20.66 -6.85
C ALA B 139 11.30 -20.73 -7.43
N SER B 140 10.74 -21.93 -7.51
CA SER B 140 9.35 -22.09 -7.99
C SER B 140 8.35 -22.08 -6.86
N LEU B 141 8.82 -21.86 -5.62
CA LEU B 141 7.94 -21.64 -4.47
C LEU B 141 8.40 -20.37 -3.74
N PHE B 142 7.50 -19.81 -2.92
CA PHE B 142 7.81 -18.61 -2.14
C PHE B 142 8.26 -18.99 -0.71
N GLN B 143 9.46 -18.59 -0.33
CA GLN B 143 10.04 -18.88 0.97
C GLN B 143 9.96 -20.32 1.50
N PRO B 144 10.28 -21.32 0.66
CA PRO B 144 10.34 -22.70 1.16
C PRO B 144 11.49 -22.83 2.16
N TYR B 145 11.27 -23.58 3.24
CA TYR B 145 12.28 -23.62 4.28
C TYR B 145 12.34 -25.00 4.93
N PRO B 146 13.56 -25.54 5.13
CA PRO B 146 14.86 -24.96 4.77
C PRO B 146 15.15 -25.15 3.28
N PRO B 147 15.76 -24.14 2.63
CA PRO B 147 15.86 -24.24 1.19
C PRO B 147 16.58 -25.49 0.68
N ALA B 148 17.55 -26.02 1.44
CA ALA B 148 18.27 -27.20 1.00
C ALA B 148 17.39 -28.44 0.77
N ASN B 149 16.19 -28.48 1.36
CA ASN B 149 15.33 -29.62 1.22
C ASN B 149 14.57 -29.62 -0.10
N PHE B 150 14.54 -28.49 -0.81
CA PHE B 150 13.56 -28.27 -1.91
C PHE B 150 14.12 -28.30 -3.30
N PRO B 151 13.68 -29.28 -4.13
CA PRO B 151 14.07 -29.22 -5.56
C PRO B 151 13.61 -27.94 -6.28
N GLU B 152 12.61 -27.27 -5.70
CA GLU B 152 12.05 -26.03 -6.18
C GLU B 152 12.97 -24.82 -6.02
N VAL B 153 14.05 -24.95 -5.24
CA VAL B 153 15.03 -23.87 -5.07
C VAL B 153 16.13 -23.98 -6.14
N PHE B 154 16.14 -23.01 -7.05
CA PHE B 154 17.08 -23.01 -8.17
C PHE B 154 18.42 -22.33 -7.79
N MSE B 155 18.35 -21.26 -7.00
CA MSE B 155 19.51 -20.48 -6.56
C MSE B 155 19.18 -19.92 -5.18
O MSE B 155 18.07 -19.40 -4.99
CB MSE B 155 19.76 -19.31 -7.50
CG MSE B 155 21.15 -18.60 -7.33
SE MSE B 155 21.10 -16.75 -7.73
CE MSE B 155 20.10 -16.23 -6.11
N CYS B 156 20.07 -20.11 -4.22
CA CYS B 156 19.94 -19.53 -2.89
C CYS B 156 21.34 -19.16 -2.45
N LYS B 157 21.59 -17.86 -2.35
CA LYS B 157 22.94 -17.38 -1.99
C LYS B 157 22.76 -16.45 -0.80
N GLY B 158 23.34 -16.84 0.33
CA GLY B 158 23.14 -16.12 1.59
C GLY B 158 24.42 -15.76 2.32
N GLY B 159 24.34 -14.80 3.22
CA GLY B 159 25.51 -14.45 4.06
C GLY B 159 26.70 -14.10 3.25
N MSE B 160 27.85 -14.67 3.64
CA MSE B 160 29.10 -14.41 2.99
C MSE B 160 29.17 -15.05 1.60
O MSE B 160 30.09 -14.76 0.80
CB MSE B 160 30.27 -14.80 3.91
CG MSE B 160 30.27 -13.95 5.18
SE MSE B 160 31.81 -14.45 6.26
CE MSE B 160 33.20 -13.97 5.03
N LYS B 161 28.19 -15.88 1.26
CA LYS B 161 28.05 -16.38 -0.12
CA LYS B 161 28.06 -16.37 -0.12
C LYS B 161 27.22 -15.47 -1.00
N LEU B 162 26.54 -14.51 -0.38
CA LEU B 162 25.87 -13.44 -1.14
C LEU B 162 26.77 -12.25 -1.35
N GLY B 163 27.43 -11.80 -0.28
CA GLY B 163 28.20 -10.59 -0.37
C GLY B 163 29.19 -10.41 0.77
N THR B 164 29.79 -9.22 0.79
CA THR B 164 30.77 -8.86 1.82
CA THR B 164 30.78 -8.82 1.79
C THR B 164 30.13 -7.90 2.79
N PHE B 165 30.45 -8.08 4.07
CA PHE B 165 29.91 -7.28 5.16
C PHE B 165 31.01 -6.42 5.79
N ASP B 166 30.67 -5.20 6.22
CA ASP B 166 31.56 -4.46 7.15
C ASP B 166 31.56 -5.20 8.47
N SER B 167 32.50 -4.88 9.35
CA SER B 167 32.61 -5.67 10.58
CA SER B 167 32.67 -5.56 10.65
C SER B 167 31.42 -5.55 11.51
N PHE B 168 30.68 -4.46 11.43
CA PHE B 168 29.52 -4.32 12.26
C PHE B 168 28.22 -4.78 11.59
N ARG B 169 28.29 -5.41 10.40
CA ARG B 169 27.09 -5.96 9.72
C ARG B 169 25.98 -4.95 9.49
N ARG B 170 26.37 -3.72 9.21
CA ARG B 170 25.44 -2.69 8.87
C ARG B 170 25.17 -2.70 7.36
N THR B 171 26.08 -3.30 6.58
CA THR B 171 25.95 -3.35 5.12
C THR B 171 26.28 -4.72 4.55
N CYS B 172 25.60 -5.08 3.46
CA CYS B 172 26.00 -6.24 2.65
C CYS B 172 26.15 -5.78 1.18
N THR B 173 27.36 -5.91 0.63
CA THR B 173 27.65 -5.48 -0.74
C THR B 173 27.78 -6.73 -1.60
N PHE B 174 26.92 -6.87 -2.61
CA PHE B 174 26.80 -8.15 -3.28
C PHE B 174 26.96 -8.02 -4.81
N ASP B 175 27.50 -9.06 -5.43
CA ASP B 175 27.56 -9.20 -6.88
C ASP B 175 27.54 -10.68 -7.22
N ILE B 176 26.34 -11.24 -7.46
CA ILE B 176 26.23 -12.64 -7.79
C ILE B 176 25.70 -12.84 -9.21
N THR B 177 26.02 -14.00 -9.77
CA THR B 177 25.52 -14.39 -11.08
C THR B 177 25.06 -15.81 -11.03
N TYR B 178 24.09 -16.14 -11.89
CA TYR B 178 23.54 -17.48 -12.02
C TYR B 178 23.21 -17.72 -13.47
N ASP B 179 23.60 -18.89 -13.95
CA ASP B 179 23.55 -19.19 -15.37
C ASP B 179 23.34 -20.71 -15.52
N ARG B 180 22.08 -21.13 -15.49
CA ARG B 180 21.73 -22.56 -15.47
C ARG B 180 20.52 -22.84 -16.36
N SER B 181 20.25 -24.12 -16.60
CA SER B 181 19.25 -24.53 -17.58
C SER B 181 18.38 -25.66 -17.03
N ASP B 182 17.43 -26.10 -17.87
CA ASP B 182 16.59 -27.25 -17.56
C ASP B 182 15.71 -27.08 -16.33
N LEU B 183 15.23 -25.87 -16.09
CA LEU B 183 14.39 -25.62 -14.92
C LEU B 183 12.92 -25.77 -15.32
N SER B 184 12.13 -26.31 -14.42
CA SER B 184 10.69 -26.44 -14.60
CA SER B 184 10.70 -26.44 -14.62
C SER B 184 9.96 -25.73 -13.48
N PHE B 185 8.92 -24.99 -13.84
CA PHE B 185 8.11 -24.32 -12.82
C PHE B 185 6.77 -23.84 -13.40
N SER B 186 5.82 -23.54 -12.53
CA SER B 186 4.61 -22.85 -12.95
CA SER B 186 4.60 -22.85 -12.93
C SER B 186 4.78 -21.35 -12.72
N GLN B 187 5.30 -21.00 -11.56
CA GLN B 187 5.60 -19.63 -11.12
C GLN B 187 7.07 -19.58 -10.70
N LEU B 188 7.74 -18.45 -11.00
CA LEU B 188 9.16 -18.22 -10.69
C LEU B 188 9.25 -16.99 -9.80
N TYR B 189 9.92 -17.15 -8.68
CA TYR B 189 10.04 -16.11 -7.67
C TYR B 189 11.50 -15.71 -7.53
N PHE B 190 11.73 -14.40 -7.42
CA PHE B 190 13.09 -13.90 -7.21
C PHE B 190 13.00 -12.81 -6.16
N ASN B 191 13.58 -13.07 -4.99
CA ASN B 191 13.45 -12.19 -3.82
C ASN B 191 14.72 -12.14 -2.96
N LEU B 192 14.82 -11.06 -2.17
CA LEU B 192 15.75 -11.01 -1.03
C LEU B 192 14.95 -11.23 0.26
N PHE B 193 15.44 -12.10 1.14
CA PHE B 193 14.83 -12.32 2.45
C PHE B 193 15.85 -11.85 3.48
N ILE B 194 15.40 -10.97 4.37
CA ILE B 194 16.28 -10.30 5.34
C ILE B 194 15.68 -10.33 6.75
N ASN B 195 16.55 -10.39 7.76
CA ASN B 195 16.17 -10.06 9.11
C ASN B 195 17.25 -9.19 9.74
N LEU B 196 16.79 -8.14 10.42
CA LEU B 196 17.64 -7.22 11.21
C LEU B 196 17.33 -7.42 12.69
N ALA B 197 18.37 -7.35 13.51
CA ALA B 197 18.28 -7.43 14.96
C ALA B 197 18.93 -6.14 15.49
N GLY B 198 18.32 -5.54 16.51
CA GLY B 198 18.78 -4.24 16.99
C GLY B 198 18.10 -3.88 18.27
N GLN B 199 18.13 -2.60 18.60
CA GLN B 199 17.62 -2.09 19.88
C GLN B 199 16.41 -1.14 19.76
N LYS B 200 16.01 -0.81 18.54
CA LYS B 200 14.89 0.10 18.27
C LYS B 200 13.72 -0.68 17.67
N ARG B 201 12.70 0.03 17.18
CA ARG B 201 11.57 -0.65 16.55
C ARG B 201 11.36 -0.26 15.07
N GLU B 202 12.25 0.60 14.55
CA GLU B 202 12.25 0.87 13.12
CA GLU B 202 12.23 0.99 13.15
C GLU B 202 13.63 1.17 12.62
N ASN B 203 13.75 1.10 11.29
CA ASN B 203 14.95 1.49 10.63
C ASN B 203 14.70 1.86 9.17
N ARG B 204 15.35 2.93 8.74
CA ARG B 204 15.29 3.34 7.34
C ARG B 204 16.36 2.64 6.56
N VAL B 205 16.01 1.53 5.91
CA VAL B 205 16.97 0.70 5.21
C VAL B 205 17.07 1.20 3.78
N ARG B 206 18.28 1.28 3.27
CA ARG B 206 18.52 1.58 1.87
C ARG B 206 18.93 0.31 1.10
N LEU B 207 18.33 0.12 -0.07
CA LEU B 207 18.73 -0.92 -1.00
C LEU B 207 19.17 -0.26 -2.31
N ARG B 208 20.41 -0.52 -2.72
CA ARG B 208 20.89 -0.09 -4.02
CA ARG B 208 20.86 -0.09 -4.03
C ARG B 208 20.98 -1.30 -4.94
N ILE B 209 20.44 -1.18 -6.15
CA ILE B 209 20.55 -2.20 -7.17
C ILE B 209 21.36 -1.54 -8.29
N ASP B 210 22.58 -2.02 -8.45
CA ASP B 210 23.50 -1.49 -9.43
C ASP B 210 23.07 -1.80 -10.83
N LYS B 211 23.39 -0.88 -11.74
CA LYS B 211 22.85 -0.97 -13.08
C LYS B 211 23.30 -2.22 -13.87
N GLU B 212 24.35 -2.90 -13.42
CA GLU B 212 24.78 -4.13 -14.06
C GLU B 212 23.77 -5.27 -13.86
N SER B 213 22.83 -5.10 -12.92
CA SER B 213 21.86 -6.14 -12.63
C SER B 213 20.94 -6.36 -13.82
N TYR B 214 20.64 -7.62 -14.09
CA TYR B 214 19.74 -7.98 -15.19
C TYR B 214 19.19 -9.40 -14.93
N PHE B 215 18.12 -9.72 -15.65
CA PHE B 215 17.51 -11.02 -15.57
C PHE B 215 17.06 -11.42 -16.99
N GLU B 216 17.42 -12.64 -17.39
CA GLU B 216 17.01 -13.20 -18.68
C GLU B 216 16.44 -14.62 -18.47
N LEU B 217 15.34 -14.90 -19.15
CA LEU B 217 14.66 -16.21 -19.11
C LEU B 217 14.44 -16.67 -20.54
N TYR B 218 14.89 -17.89 -20.84
CA TYR B 218 14.79 -18.51 -22.16
C TYR B 218 13.99 -19.78 -22.07
N GLU B 219 13.00 -19.94 -22.94
CA GLU B 219 12.37 -21.23 -23.14
C GLU B 219 13.21 -22.07 -24.11
N GLN B 220 13.63 -23.25 -23.65
CA GLN B 220 14.60 -24.05 -24.40
C GLN B 220 13.91 -24.81 -25.53
N SER B 221 14.56 -24.91 -26.68
CA SER B 221 14.07 -25.68 -27.84
C SER B 221 13.81 -27.13 -27.47
C1 EDO C . -26.28 26.22 5.79
O1 EDO C . -25.10 25.80 6.41
C2 EDO C . -27.33 26.26 6.85
O2 EDO C . -27.03 27.45 7.52
C1 EDO D . -28.53 -1.74 8.67
O1 EDO D . -29.92 -2.18 8.71
C2 EDO D . -28.44 -0.24 8.98
O2 EDO D . -29.01 0.00 10.27
C1 EDO E . 6.26 1.71 -12.76
O1 EDO E . 6.86 2.44 -11.74
C2 EDO E . 7.18 0.55 -13.06
O2 EDO E . 6.66 -0.60 -12.43
C1 EDO F . -6.22 26.45 -2.95
O1 EDO F . -7.43 26.77 -3.66
C2 EDO F . -6.59 25.78 -1.63
O2 EDO F . -7.62 26.53 -0.95
C1 EDO G . -28.16 19.75 6.60
O1 EDO G . -27.25 20.74 6.12
C2 EDO G . -29.57 20.25 6.29
O2 EDO G . -30.21 20.69 7.49
C1 EDO H . 28.27 -23.58 1.09
O1 EDO H . 28.12 -22.17 1.23
C2 EDO H . 27.00 -24.30 1.51
O2 EDO H . 25.83 -24.03 0.71
C1 EDO I . 26.21 -15.64 -16.73
O1 EDO I . 25.93 -15.08 -18.02
C2 EDO I . 24.91 -15.49 -15.96
O2 EDO I . 24.47 -14.14 -15.89
C1 EDO J . 28.37 -9.24 -18.16
O1 EDO J . 29.24 -9.51 -17.06
C2 EDO J . 27.30 -8.28 -17.72
O2 EDO J . 26.94 -8.56 -16.37
#